data_6N5N
#
_entry.id   6N5N
#
_cell.length_a   114.680
_cell.length_b   114.680
_cell.length_c   114.810
_cell.angle_alpha   90.000
_cell.angle_beta   90.000
_cell.angle_gamma   120.000
#
_symmetry.space_group_name_H-M   'P 31 2 1'
#
loop_
_entity.id
_entity.type
_entity.pdbx_description
1 polymer 'RNA (125-MER)'
2 non-polymer "(2R,3R,3aS,5R,7aR,9R,10R,10aS,12R,14aR)-2,9-bis(6-amino-9H-purin-9-yl)octahydro-2H,7H-difuro[3,2-d:3',2'-j][1,3,7,9,2,8 ]tetraoxadiphosphacyclododecine-3,5,10,12-tetrol 5,12-dioxide"
3 non-polymer 'MAGNESIUM ION'
4 non-polymer 'POTASSIUM ION'
5 non-polymer 'SULFATE ION'
#
_entity_poly.entity_id   1
_entity_poly.type   'polyribonucleotide'
_entity_poly.pdbx_seq_one_letter_code
;(GTP)GUUGCCGAAUCCGAUGCUCGGUACGGAGGAACCGCUUUUUGGGGUUAAUCUGCAGUGAAGCUGCAGUAGGGAUAC
CUUCUGUCCCGCACCCGACAGCUAACUCCGGAGGCAAUAAAGGAAGGAG
;
_entity_poly.pdbx_strand_id   A
#